data_3Q3Y
#
_entry.id   3Q3Y
#
_cell.length_a   39.040
_cell.length_b   64.450
_cell.length_c   68.740
_cell.angle_alpha   90.00
_cell.angle_beta   90.81
_cell.angle_gamma   90.00
#
_symmetry.space_group_name_H-M   'P 1 21 1'
#
loop_
_entity.id
_entity.type
_entity.pdbx_description
1 polymer 'HEVB EV93 3C protease'
2 non-polymer 'ethyl (4R)-4-({(2S)-2-[3-{[(5-methyl-1,2-oxazol-3-yl)carbonyl]amino}-2-oxopyridin-1(2H)-yl]pent-4-ynoyl}amino)-5-[(3S)-2-oxopyrrolidin-3-yl]pentanoate'
3 non-polymer 1,2-ETHANEDIOL
4 non-polymer 'HYDROGENPHOSPHATE ION'
5 non-polymer 'AMMONIUM ION'
6 water water
#
_entity_poly.entity_id   1
_entity_poly.type   'polypeptide(L)'
_entity_poly.pdbx_seq_one_letter_code
;MKGPAFEFAVAMMKRNASTVKTEYGEFTMLGIYDRWAVLPRHAKPGPTILMNDQEVGVLDAKELVDKDGTNLELTLLKLN
RNEKFRDIRGFLAREEVEVNEAVLAINTSKFPNMYIPVGQVTDYGFLNLGGTPTKRMLVYNFPTRAGQCGGVLMSTGKVL
GIHVGGNGHQGFSAALLRHYFNEEQHHHHHH
;
_entity_poly.pdbx_strand_id   A,B
#
# COMPACT_ATOMS: atom_id res chain seq x y z
N LYS A 2 12.53 -8.81 3.31
CA LYS A 2 11.71 -7.67 2.83
C LYS A 2 11.70 -6.48 3.80
N GLY A 3 11.92 -6.74 5.08
CA GLY A 3 11.78 -5.72 6.13
C GLY A 3 12.66 -4.48 5.97
N PRO A 4 13.96 -4.65 5.79
CA PRO A 4 14.80 -3.46 5.65
C PRO A 4 14.46 -2.60 4.43
N ALA A 5 14.00 -3.22 3.35
CA ALA A 5 13.56 -2.45 2.19
C ALA A 5 12.40 -1.55 2.58
N PHE A 6 11.45 -2.08 3.35
CA PHE A 6 10.31 -1.26 3.77
C PHE A 6 10.72 -0.12 4.71
N GLU A 7 11.59 -0.42 5.67
CA GLU A 7 12.08 0.61 6.59
CA GLU A 7 12.09 0.59 6.58
C GLU A 7 12.74 1.73 5.79
N PHE A 8 13.59 1.38 4.85
CA PHE A 8 14.23 2.36 3.98
C PHE A 8 13.18 3.15 3.20
N ALA A 9 12.21 2.45 2.64
CA ALA A 9 11.22 3.10 1.74
C ALA A 9 10.39 4.12 2.50
N VAL A 10 9.98 3.79 3.72
CA VAL A 10 9.10 4.69 4.45
C VAL A 10 9.85 5.96 4.80
N ALA A 11 11.10 5.81 5.25
CA ALA A 11 11.90 6.97 5.57
C ALA A 11 12.19 7.85 4.34
N MET A 12 12.42 7.21 3.21
CA MET A 12 12.70 7.94 1.97
C MET A 12 11.47 8.75 1.53
N MET A 13 10.30 8.14 1.58
CA MET A 13 9.11 8.86 1.10
C MET A 13 8.83 10.01 2.02
N LYS A 14 9.00 9.81 3.32
CA LYS A 14 8.69 10.86 4.27
CA LYS A 14 8.69 10.87 4.28
C LYS A 14 9.56 12.09 4.00
N ARG A 15 10.82 11.86 3.66
CA ARG A 15 11.77 12.96 3.54
CA ARG A 15 11.78 12.95 3.54
C ARG A 15 11.79 13.59 2.16
N ASN A 16 11.53 12.78 1.13
CA ASN A 16 11.76 13.25 -0.25
C ASN A 16 10.57 13.23 -1.21
N ALA A 17 9.44 12.61 -0.83
CA ALA A 17 8.31 12.50 -1.75
C ALA A 17 7.21 13.52 -1.48
N SER A 18 6.42 13.78 -2.53
CA SER A 18 5.22 14.63 -2.43
C SER A 18 4.17 14.11 -3.39
N THR A 19 2.98 14.68 -3.31
CA THR A 19 1.89 14.33 -4.22
C THR A 19 1.69 15.49 -5.19
N VAL A 20 1.69 15.19 -6.49
CA VAL A 20 1.65 16.22 -7.52
C VAL A 20 0.50 15.99 -8.47
N LYS A 21 -0.21 17.08 -8.82
CA LYS A 21 -1.15 17.05 -9.92
CA LYS A 21 -1.16 17.06 -9.93
C LYS A 21 -0.67 17.96 -11.04
N THR A 22 -0.72 17.41 -12.25
CA THR A 22 -0.59 18.19 -13.47
C THR A 22 -1.93 18.10 -14.21
N GLU A 23 -2.04 18.72 -15.36
CA GLU A 23 -3.30 18.63 -16.10
CA GLU A 23 -3.29 18.64 -16.10
C GLU A 23 -3.52 17.21 -16.62
N TYR A 24 -2.46 16.39 -16.60
CA TYR A 24 -2.49 15.01 -17.11
C TYR A 24 -2.69 13.95 -16.03
N GLY A 25 -2.79 14.36 -14.78
CA GLY A 25 -3.13 13.42 -13.72
C GLY A 25 -2.46 13.66 -12.39
N GLU A 26 -2.60 12.67 -11.50
CA GLU A 26 -2.06 12.74 -10.15
C GLU A 26 -0.97 11.70 -10.03
N PHE A 27 0.14 12.12 -9.46
CA PHE A 27 1.36 11.37 -9.42
C PHE A 27 2.06 11.44 -8.06
N THR A 28 2.86 10.44 -7.77
CA THR A 28 3.87 10.51 -6.72
C THR A 28 5.08 11.21 -7.35
N MET A 29 5.71 12.14 -6.64
CA MET A 29 6.91 12.84 -7.15
C MET A 29 8.07 12.74 -6.15
N LEU A 30 9.23 12.29 -6.60
CA LEU A 30 10.41 12.15 -5.76
C LEU A 30 11.32 13.34 -6.03
N GLY A 31 11.62 14.10 -4.97
CA GLY A 31 12.67 15.13 -5.04
C GLY A 31 14.04 14.49 -4.95
N ILE A 32 14.98 15.03 -5.71
CA ILE A 32 16.30 14.40 -5.87
C ILE A 32 17.43 15.18 -5.19
N TYR A 33 17.57 16.46 -5.51
CA TYR A 33 18.53 17.32 -4.83
C TYR A 33 18.22 18.75 -5.20
N ASP A 34 18.69 19.71 -4.42
CA ASP A 34 18.43 21.12 -4.67
CA ASP A 34 18.40 21.13 -4.67
C ASP A 34 16.92 21.31 -4.95
N ARG A 35 16.53 21.85 -6.11
CA ARG A 35 15.11 22.03 -6.46
CA ARG A 35 15.11 22.00 -6.45
C ARG A 35 14.70 21.09 -7.64
N TRP A 36 15.49 20.07 -7.89
CA TRP A 36 15.23 19.09 -8.97
C TRP A 36 14.45 17.89 -8.46
N ALA A 37 13.37 17.56 -9.17
CA ALA A 37 12.57 16.37 -8.89
C ALA A 37 12.32 15.60 -10.19
N VAL A 38 11.59 14.48 -10.08
CA VAL A 38 11.37 13.64 -11.26
C VAL A 38 9.90 13.20 -11.30
N LEU A 39 9.35 13.23 -12.50
CA LEU A 39 8.02 12.68 -12.81
C LEU A 39 8.09 11.75 -14.02
N PRO A 40 7.09 10.88 -14.19
CA PRO A 40 6.98 10.18 -15.48
C PRO A 40 6.82 11.20 -16.63
N ARG A 41 7.34 10.89 -17.81
CA ARG A 41 7.24 11.83 -18.92
CA ARG A 41 7.23 11.80 -18.95
C ARG A 41 5.77 12.13 -19.24
N HIS A 42 4.91 11.12 -19.09
CA HIS A 42 3.48 11.27 -19.43
C HIS A 42 2.73 12.21 -18.49
N ALA A 43 3.35 12.66 -17.40
CA ALA A 43 2.76 13.72 -16.55
C ALA A 43 2.72 15.07 -17.25
N LYS A 44 3.59 15.26 -18.23
CA LYS A 44 3.62 16.48 -19.05
CA LYS A 44 3.62 16.48 -19.03
C LYS A 44 3.44 17.77 -18.22
N PRO A 45 4.29 17.99 -17.20
CA PRO A 45 4.13 19.19 -16.37
C PRO A 45 4.22 20.46 -17.20
N GLY A 46 3.31 21.38 -16.93
CA GLY A 46 3.29 22.72 -17.54
C GLY A 46 4.08 23.71 -16.72
N PRO A 47 3.82 25.01 -16.91
N PRO A 47 3.82 25.01 -16.93
CA PRO A 47 4.59 26.02 -16.19
CA PRO A 47 4.54 26.07 -16.21
C PRO A 47 4.32 26.05 -14.69
C PRO A 47 4.29 26.10 -14.71
N THR A 48 3.23 25.45 -14.24
CA THR A 48 2.99 25.30 -12.82
C THR A 48 2.46 23.90 -12.59
N ILE A 49 2.70 23.40 -11.39
CA ILE A 49 2.12 22.16 -10.92
C ILE A 49 1.45 22.37 -9.57
N LEU A 50 0.61 21.43 -9.16
CA LEU A 50 0.12 21.42 -7.79
CA LEU A 50 0.11 21.40 -7.80
C LEU A 50 0.95 20.40 -7.01
N MET A 51 1.64 20.88 -5.99
CA MET A 51 2.48 20.03 -5.15
C MET A 51 1.93 20.12 -3.73
N ASN A 52 1.46 19.00 -3.23
CA ASN A 52 0.74 18.99 -1.96
C ASN A 52 -0.32 20.12 -1.93
N ASP A 53 -1.13 20.17 -2.98
CA ASP A 53 -2.27 21.07 -3.11
C ASP A 53 -1.90 22.57 -3.27
N GLN A 54 -0.62 22.86 -3.43
N GLN A 54 -0.63 22.85 -3.48
CA GLN A 54 -0.10 24.22 -3.57
CA GLN A 54 -0.14 24.22 -3.60
C GLN A 54 0.47 24.44 -4.97
C GLN A 54 0.49 24.46 -4.96
N GLU A 55 0.15 25.57 -5.60
CA GLU A 55 0.70 25.89 -6.92
C GLU A 55 2.19 26.22 -6.80
N VAL A 56 3.01 25.55 -7.61
CA VAL A 56 4.46 25.74 -7.62
C VAL A 56 4.90 25.94 -9.04
N GLY A 57 5.69 26.97 -9.30
CA GLY A 57 6.18 27.19 -10.66
C GLY A 57 7.27 26.20 -11.04
N VAL A 58 7.33 25.93 -12.35
CA VAL A 58 8.33 25.05 -12.90
C VAL A 58 9.30 25.92 -13.71
N LEU A 59 10.57 25.89 -13.32
CA LEU A 59 11.60 26.71 -13.96
C LEU A 59 12.24 26.02 -15.16
N ASP A 60 12.27 24.70 -15.15
CA ASP A 60 12.85 23.94 -16.25
C ASP A 60 12.22 22.55 -16.23
N ALA A 61 12.11 21.95 -17.41
CA ALA A 61 11.66 20.56 -17.55
C ALA A 61 12.45 19.91 -18.68
N LYS A 62 13.02 18.75 -18.39
CA LYS A 62 13.87 18.01 -19.30
CA LYS A 62 13.85 18.02 -19.32
C LYS A 62 13.26 16.62 -19.51
N GLU A 63 12.76 16.36 -20.71
CA GLU A 63 12.28 15.03 -21.08
CA GLU A 63 12.29 15.03 -21.07
C GLU A 63 13.48 14.20 -21.53
N LEU A 64 13.84 13.22 -20.72
CA LEU A 64 15.07 12.47 -20.93
C LEU A 64 14.98 11.49 -22.10
N VAL A 65 16.02 11.52 -22.92
CA VAL A 65 16.23 10.53 -23.97
C VAL A 65 17.67 10.04 -23.92
N ASP A 66 17.95 8.87 -24.51
CA ASP A 66 19.34 8.38 -24.55
C ASP A 66 20.10 9.06 -25.69
N LYS A 67 21.35 8.65 -25.91
CA LYS A 67 22.23 9.28 -26.90
CA LYS A 67 22.18 9.37 -26.89
C LYS A 67 21.69 9.24 -28.34
N ASP A 68 20.75 8.34 -28.60
CA ASP A 68 20.17 8.22 -29.95
C ASP A 68 18.70 8.66 -29.96
N GLY A 69 18.31 9.40 -28.93
CA GLY A 69 16.98 10.01 -28.88
C GLY A 69 15.86 9.10 -28.41
N THR A 70 16.18 7.93 -27.90
CA THR A 70 15.16 6.99 -27.50
C THR A 70 14.57 7.42 -26.14
N ASN A 71 13.26 7.40 -26.05
CA ASN A 71 12.50 7.74 -24.85
C ASN A 71 12.96 6.94 -23.63
N LEU A 72 13.10 7.65 -22.49
CA LEU A 72 13.37 7.01 -21.18
C LEU A 72 12.18 7.11 -20.22
N GLU A 73 11.16 7.85 -20.66
CA GLU A 73 9.87 8.04 -19.94
C GLU A 73 10.00 8.77 -18.59
N LEU A 74 11.00 9.65 -18.51
CA LEU A 74 11.23 10.47 -17.34
C LEU A 74 11.31 11.93 -17.75
N THR A 75 10.73 12.78 -16.90
CA THR A 75 10.91 14.22 -16.99
C THR A 75 11.48 14.75 -15.71
N LEU A 76 12.62 15.42 -15.82
CA LEU A 76 13.19 16.11 -14.68
C LEU A 76 12.64 17.52 -14.64
N LEU A 77 12.28 18.00 -13.46
CA LEU A 77 11.78 19.35 -13.36
CA LEU A 77 11.65 19.31 -13.22
C LEU A 77 12.40 20.08 -12.16
N LYS A 78 12.71 21.34 -12.44
CA LYS A 78 13.30 22.24 -11.48
CA LYS A 78 13.31 22.24 -11.47
C LYS A 78 12.22 23.16 -10.96
N LEU A 79 12.01 23.18 -9.65
CA LEU A 79 10.89 23.88 -9.07
C LEU A 79 11.29 25.25 -8.52
N ASN A 80 10.34 26.18 -8.58
CA ASN A 80 10.53 27.51 -8.03
C ASN A 80 10.07 27.52 -6.57
N ARG A 81 10.94 27.03 -5.70
CA ARG A 81 10.67 26.98 -4.27
C ARG A 81 11.98 27.11 -3.49
N ASN A 82 11.87 27.58 -2.26
CA ASN A 82 13.01 27.82 -1.41
C ASN A 82 13.54 26.57 -0.71
N GLU A 83 12.65 25.71 -0.23
CA GLU A 83 13.06 24.46 0.39
CA GLU A 83 13.05 24.45 0.39
C GLU A 83 13.86 23.63 -0.61
N LYS A 84 15.00 23.12 -0.17
CA LYS A 84 15.81 22.22 -0.97
CA LYS A 84 15.80 22.21 -0.98
C LYS A 84 15.53 20.78 -0.56
N PHE A 85 15.54 19.89 -1.55
CA PHE A 85 15.40 18.48 -1.27
C PHE A 85 16.68 17.97 -0.61
N ARG A 86 16.54 17.03 0.31
CA ARG A 86 17.69 16.30 0.81
C ARG A 86 18.30 15.54 -0.37
N ASP A 87 19.61 15.66 -0.54
CA ASP A 87 20.28 15.11 -1.72
C ASP A 87 20.32 13.59 -1.61
N ILE A 88 19.60 12.91 -2.51
CA ILE A 88 19.57 11.46 -2.52
C ILE A 88 20.28 10.87 -3.76
N ARG A 89 21.13 11.67 -4.41
CA ARG A 89 21.84 11.15 -5.57
C ARG A 89 22.71 9.94 -5.28
N GLY A 90 23.23 9.83 -4.06
CA GLY A 90 24.06 8.69 -3.67
C GLY A 90 23.28 7.37 -3.58
N PHE A 91 21.95 7.44 -3.57
CA PHE A 91 21.13 6.24 -3.55
C PHE A 91 20.80 5.81 -4.97
N LEU A 92 21.19 6.60 -5.96
CA LEU A 92 20.96 6.26 -7.38
C LEU A 92 22.16 5.55 -7.98
N ALA A 93 21.92 4.42 -8.62
CA ALA A 93 22.97 3.65 -9.28
C ALA A 93 23.43 4.34 -10.57
N ARG A 94 24.60 3.93 -11.07
CA ARG A 94 25.07 4.41 -12.38
CA ARG A 94 25.10 4.38 -12.37
C ARG A 94 24.57 3.52 -13.51
N GLU A 95 24.09 2.33 -13.20
N GLU A 95 24.10 2.32 -13.17
CA GLU A 95 23.48 1.50 -14.22
CA GLU A 95 23.57 1.39 -14.14
C GLU A 95 22.30 0.76 -13.58
C GLU A 95 22.36 0.63 -13.54
N GLU A 96 21.50 0.12 -14.42
CA GLU A 96 20.26 -0.56 -14.01
C GLU A 96 20.51 -1.60 -12.93
N VAL A 97 19.72 -1.56 -11.87
CA VAL A 97 19.86 -2.45 -10.73
C VAL A 97 18.79 -3.54 -10.79
N GLU A 98 19.19 -4.79 -10.61
CA GLU A 98 18.29 -5.93 -10.46
C GLU A 98 18.37 -6.40 -9.03
N VAL A 99 17.23 -6.79 -8.43
CA VAL A 99 17.20 -7.23 -7.04
C VAL A 99 16.16 -8.35 -6.89
N ASN A 100 16.29 -9.12 -5.82
CA ASN A 100 15.37 -10.23 -5.57
CA ASN A 100 15.38 -10.24 -5.58
C ASN A 100 14.08 -9.80 -4.89
N GLU A 101 14.16 -8.69 -4.15
CA GLU A 101 13.01 -8.16 -3.41
C GLU A 101 13.03 -6.63 -3.48
N ALA A 102 11.98 -6.04 -4.02
CA ALA A 102 11.82 -4.59 -4.03
C ALA A 102 10.47 -4.18 -3.45
N VAL A 103 10.39 -2.89 -3.13
CA VAL A 103 9.17 -2.27 -2.60
C VAL A 103 8.86 -1.08 -3.47
N LEU A 104 7.59 -0.99 -3.87
CA LEU A 104 7.09 0.15 -4.64
C LEU A 104 6.25 1.01 -3.70
N ALA A 105 6.62 2.28 -3.59
CA ALA A 105 5.97 3.20 -2.66
C ALA A 105 5.18 4.27 -3.41
N ILE A 106 3.92 4.45 -3.02
CA ILE A 106 2.97 5.36 -3.68
C ILE A 106 2.43 6.35 -2.65
N ASN A 107 2.29 7.62 -3.00
N ASN A 107 2.27 7.60 -3.06
CA ASN A 107 1.52 8.54 -2.14
CA ASN A 107 1.77 8.68 -2.20
C ASN A 107 0.77 9.54 -2.97
C ASN A 107 0.78 9.59 -2.98
N THR A 108 -0.49 9.19 -3.18
CA THR A 108 -1.46 10.03 -3.87
C THR A 108 -2.80 9.97 -3.11
N SER A 109 -3.77 10.79 -3.55
CA SER A 109 -5.07 10.77 -2.91
C SER A 109 -5.78 9.43 -3.04
N LYS A 110 -5.49 8.70 -4.10
CA LYS A 110 -6.05 7.37 -4.29
CA LYS A 110 -6.06 7.38 -4.29
C LYS A 110 -5.32 6.32 -3.47
N PHE A 111 -3.99 6.48 -3.31
CA PHE A 111 -3.16 5.52 -2.59
C PHE A 111 -2.25 6.30 -1.63
N PRO A 112 -2.85 6.63 -0.48
N PRO A 112 -2.71 6.70 -0.45
CA PRO A 112 -2.18 7.40 0.54
CA PRO A 112 -1.93 7.76 0.24
C PRO A 112 -1.30 6.51 1.35
C PRO A 112 -0.49 7.45 0.85
N ASN A 113 -0.01 6.85 1.26
N ASN A 113 -0.32 6.29 1.42
CA ASN A 113 1.14 6.15 1.85
CA ASN A 113 0.94 6.04 2.09
C ASN A 113 1.07 4.65 1.90
C ASN A 113 1.15 4.54 1.96
N MET A 114 1.08 4.07 0.71
CA MET A 114 1.05 2.63 0.53
CA MET A 114 1.03 2.62 0.42
C MET A 114 2.36 2.08 -0.04
N TYR A 115 2.71 0.90 0.47
CA TYR A 115 3.93 0.22 0.11
C TYR A 115 3.58 -1.20 -0.39
N ILE A 116 4.16 -1.59 -1.54
CA ILE A 116 3.84 -2.86 -2.18
C ILE A 116 5.13 -3.70 -2.31
N PRO A 117 5.14 -4.92 -1.76
CA PRO A 117 6.29 -5.82 -2.02
C PRO A 117 6.11 -6.44 -3.39
N VAL A 118 6.86 -5.95 -4.36
CA VAL A 118 6.68 -6.38 -5.75
C VAL A 118 7.55 -7.57 -6.16
N GLY A 119 8.36 -8.10 -5.24
CA GLY A 119 9.18 -9.26 -5.58
C GLY A 119 10.42 -8.87 -6.40
N GLN A 120 10.80 -9.73 -7.31
CA GLN A 120 12.05 -9.55 -8.07
CA GLN A 120 12.05 -9.55 -8.05
C GLN A 120 11.90 -8.50 -9.15
N VAL A 121 12.97 -7.73 -9.34
CA VAL A 121 13.05 -6.70 -10.39
C VAL A 121 14.14 -7.15 -11.37
N THR A 122 13.78 -7.18 -12.65
CA THR A 122 14.67 -7.57 -13.73
C THR A 122 14.87 -6.39 -14.68
N ASP A 123 16.09 -6.26 -15.22
CA ASP A 123 16.38 -5.27 -16.25
C ASP A 123 15.81 -5.79 -17.59
N TYR A 124 14.60 -5.36 -17.92
CA TYR A 124 13.91 -5.83 -19.12
C TYR A 124 14.46 -5.17 -20.38
N GLY A 125 14.82 -3.90 -20.28
CA GLY A 125 15.45 -3.15 -21.37
C GLY A 125 14.44 -2.43 -22.25
N PHE A 126 14.36 -2.88 -23.50
CA PHE A 126 13.49 -2.26 -24.51
C PHE A 126 12.03 -2.68 -24.37
N LEU A 127 11.14 -1.69 -24.44
CA LEU A 127 9.70 -1.93 -24.44
C LEU A 127 9.00 -0.89 -25.31
N ASN A 128 8.02 -1.30 -26.10
CA ASN A 128 7.17 -0.34 -26.76
C ASN A 128 6.05 -0.01 -25.75
N LEU A 129 6.15 1.17 -25.13
CA LEU A 129 5.33 1.56 -23.99
C LEU A 129 4.37 2.66 -24.46
N GLY A 130 3.08 2.41 -24.43
CA GLY A 130 2.13 3.42 -24.85
C GLY A 130 2.39 3.90 -26.27
N GLY A 131 2.86 3.01 -27.14
CA GLY A 131 3.10 3.35 -28.54
C GLY A 131 4.48 3.97 -28.79
N THR A 132 5.31 4.11 -27.77
CA THR A 132 6.60 4.78 -27.91
C THR A 132 7.74 3.82 -27.57
N PRO A 133 8.70 3.65 -28.49
CA PRO A 133 9.90 2.86 -28.18
C PRO A 133 10.60 3.46 -26.99
N THR A 134 10.89 2.62 -25.99
CA THR A 134 11.37 3.08 -24.67
C THR A 134 12.44 2.12 -24.19
N LYS A 135 13.44 2.66 -23.48
CA LYS A 135 14.55 1.85 -22.98
C LYS A 135 14.72 1.98 -21.48
N ARG A 136 15.57 1.13 -20.91
CA ARG A 136 15.94 1.11 -19.49
C ARG A 136 14.74 0.80 -18.61
N MET A 137 13.86 -0.08 -19.11
CA MET A 137 12.71 -0.54 -18.32
C MET A 137 13.10 -1.67 -17.35
N LEU A 138 12.66 -1.52 -16.10
CA LEU A 138 12.76 -2.53 -15.05
C LEU A 138 11.38 -3.16 -14.86
N VAL A 139 11.31 -4.49 -14.88
CA VAL A 139 10.01 -5.19 -14.80
C VAL A 139 9.83 -5.96 -13.48
N TYR A 140 8.59 -6.00 -12.99
CA TYR A 140 8.21 -6.76 -11.82
C TYR A 140 6.77 -7.18 -11.95
N ASN A 141 6.40 -8.26 -11.28
CA ASN A 141 5.06 -8.84 -11.42
C ASN A 141 4.22 -8.54 -10.20
N PHE A 142 3.16 -7.76 -10.32
N PHE A 142 3.44 -7.49 -10.45
CA PHE A 142 2.23 -7.55 -9.18
CA PHE A 142 2.45 -6.92 -9.57
C PHE A 142 0.95 -7.02 -9.81
C PHE A 142 1.44 -6.15 -10.44
N PRO A 143 -0.15 -6.95 -9.06
N PRO A 143 0.15 -6.27 -10.12
CA PRO A 143 -1.39 -6.46 -9.67
CA PRO A 143 -0.90 -5.56 -10.88
C PRO A 143 -1.37 -4.94 -9.83
C PRO A 143 -0.99 -4.10 -10.47
N THR A 144 -1.06 -4.45 -11.04
N THR A 144 -0.02 -3.35 -10.95
CA THR A 144 -0.86 -3.01 -11.31
CA THR A 144 0.00 -1.93 -10.71
C THR A 144 -2.16 -2.22 -11.33
C THR A 144 -1.14 -1.37 -11.53
N ARG A 145 -2.08 -0.90 -11.14
N ARG A 145 -1.62 -0.23 -11.10
CA ARG A 145 -3.24 0.03 -11.15
CA ARG A 145 -2.84 0.16 -11.71
C ARG A 145 -2.89 1.48 -11.65
C ARG A 145 -2.78 1.61 -11.78
N ALA A 146 -3.80 2.13 -12.39
CA ALA A 146 -3.75 3.53 -12.69
C ALA A 146 -3.62 4.30 -11.37
N GLY A 147 -2.88 5.38 -11.41
CA GLY A 147 -2.67 6.17 -10.23
C GLY A 147 -1.40 5.84 -9.49
N GLN A 148 -0.69 4.79 -9.89
CA GLN A 148 0.60 4.43 -9.27
C GLN A 148 1.83 5.02 -9.98
N CYS A 149 1.65 5.76 -11.06
CA CYS A 149 2.80 6.34 -11.72
C CYS A 149 3.50 7.44 -10.93
N GLY A 150 4.82 7.40 -11.04
CA GLY A 150 5.69 8.18 -10.17
C GLY A 150 6.03 7.49 -8.88
N GLY A 151 5.38 6.36 -8.60
CA GLY A 151 5.74 5.55 -7.45
C GLY A 151 7.22 5.19 -7.48
N VAL A 152 7.79 5.10 -6.29
CA VAL A 152 9.24 4.98 -6.15
C VAL A 152 9.61 3.54 -5.83
N LEU A 153 10.42 2.96 -6.72
CA LEU A 153 10.86 1.56 -6.61
C LEU A 153 12.18 1.50 -5.86
N MET A 154 12.19 0.77 -4.73
CA MET A 154 13.34 0.73 -3.84
C MET A 154 13.71 -0.67 -3.37
N SER A 155 14.98 -0.83 -2.97
CA SER A 155 15.42 -1.98 -2.19
C SER A 155 16.23 -1.41 -1.05
N THR A 156 16.74 -2.27 -0.17
CA THR A 156 17.49 -1.72 0.95
C THR A 156 18.65 -0.85 0.48
N GLY A 157 18.66 0.41 0.92
CA GLY A 157 19.68 1.38 0.55
C GLY A 157 19.78 1.80 -0.90
N LYS A 158 18.76 1.53 -1.72
CA LYS A 158 18.82 1.88 -3.15
CA LYS A 158 18.82 1.88 -3.14
C LYS A 158 17.47 2.42 -3.64
N VAL A 159 17.53 3.49 -4.43
CA VAL A 159 16.37 3.91 -5.24
C VAL A 159 16.63 3.38 -6.66
N LEU A 160 15.80 2.46 -7.13
CA LEU A 160 15.99 1.78 -8.41
CA LEU A 160 16.01 1.78 -8.39
C LEU A 160 15.39 2.51 -9.59
N GLY A 161 14.21 3.08 -9.38
CA GLY A 161 13.45 3.59 -10.51
C GLY A 161 12.14 4.20 -10.10
N ILE A 162 11.41 4.68 -11.12
CA ILE A 162 10.12 5.33 -10.96
CA ILE A 162 10.09 5.23 -10.88
C ILE A 162 9.08 4.57 -11.80
N HIS A 163 7.94 4.21 -11.22
CA HIS A 163 6.92 3.47 -11.94
C HIS A 163 6.29 4.32 -13.05
N VAL A 164 6.30 3.80 -14.27
CA VAL A 164 5.79 4.55 -15.41
C VAL A 164 4.74 3.80 -16.22
N GLY A 165 4.57 2.49 -16.01
CA GLY A 165 3.62 1.80 -16.86
C GLY A 165 3.43 0.34 -16.53
N GLY A 166 2.57 -0.30 -17.30
CA GLY A 166 2.23 -1.69 -17.08
C GLY A 166 0.89 -2.02 -17.69
N ASN A 167 0.53 -3.27 -17.50
CA ASN A 167 -0.72 -3.84 -17.96
CA ASN A 167 -0.73 -3.83 -17.96
C ASN A 167 -0.95 -5.12 -17.19
N GLY A 168 -2.16 -5.32 -16.67
CA GLY A 168 -2.47 -6.54 -15.95
C GLY A 168 -1.62 -6.71 -14.71
N HIS A 169 -0.84 -7.80 -14.67
CA HIS A 169 0.01 -8.12 -13.53
C HIS A 169 1.48 -7.91 -13.82
N GLN A 170 1.76 -6.96 -14.71
CA GLN A 170 3.14 -6.63 -15.03
CA GLN A 170 3.14 -6.63 -15.05
C GLN A 170 3.33 -5.12 -14.95
N GLY A 171 4.33 -4.71 -14.17
CA GLY A 171 4.68 -3.30 -13.97
C GLY A 171 6.09 -2.98 -14.45
N PHE A 172 6.32 -1.73 -14.83
CA PHE A 172 7.59 -1.24 -15.37
C PHE A 172 7.95 0.07 -14.73
N SER A 173 9.22 0.16 -14.29
CA SER A 173 9.82 1.41 -13.88
C SER A 173 10.90 1.83 -14.90
N ALA A 174 11.05 3.14 -15.03
CA ALA A 174 12.22 3.75 -15.64
C ALA A 174 13.35 3.73 -14.63
N ALA A 175 14.49 3.19 -15.03
CA ALA A 175 15.64 3.15 -14.10
C ALA A 175 16.05 4.57 -13.81
N LEU A 176 16.30 4.88 -12.54
CA LEU A 176 16.67 6.24 -12.16
C LEU A 176 18.18 6.34 -11.92
N LEU A 177 18.91 6.76 -12.97
CA LEU A 177 20.36 6.67 -12.98
C LEU A 177 21.01 7.99 -12.58
N ARG A 178 22.14 7.87 -11.91
CA ARG A 178 22.74 9.04 -11.29
CA ARG A 178 22.85 8.98 -11.31
C ARG A 178 23.20 10.08 -12.32
N HIS A 179 23.68 9.63 -13.49
CA HIS A 179 24.17 10.57 -14.51
C HIS A 179 23.09 11.46 -15.11
N TYR A 180 21.82 11.14 -14.87
CA TYR A 180 20.74 12.04 -15.33
C TYR A 180 20.78 13.38 -14.58
N PHE A 181 21.49 13.42 -13.46
N PHE A 181 21.48 13.41 -13.44
CA PHE A 181 21.60 14.61 -12.64
CA PHE A 181 21.44 14.54 -12.50
C PHE A 181 23.04 15.11 -12.69
C PHE A 181 22.81 15.19 -12.27
N ASN A 182 23.24 16.43 -12.52
N ASN A 182 23.69 15.05 -13.26
CA ASN A 182 24.59 16.97 -12.48
CA ASN A 182 25.06 15.60 -13.23
C ASN A 182 25.46 16.36 -11.38
C ASN A 182 26.03 14.72 -14.01
N LYS B 2 10.13 0.24 11.98
CA LYS B 2 8.89 -0.15 11.25
C LYS B 2 9.13 -1.43 10.45
N GLY B 3 10.40 -1.70 10.17
CA GLY B 3 10.79 -2.78 9.29
C GLY B 3 10.28 -4.15 9.68
N PRO B 4 10.53 -4.54 10.92
CA PRO B 4 10.12 -5.87 11.35
C PRO B 4 8.61 -6.04 11.31
N ALA B 5 7.87 -4.96 11.54
CA ALA B 5 6.41 -5.02 11.44
C ALA B 5 5.98 -5.33 10.01
N PHE B 6 6.65 -4.71 9.03
CA PHE B 6 6.32 -4.98 7.63
C PHE B 6 6.69 -6.43 7.25
N GLU B 7 7.86 -6.90 7.69
CA GLU B 7 8.28 -8.26 7.36
CA GLU B 7 8.29 -8.25 7.40
C GLU B 7 7.27 -9.26 7.93
N PHE B 8 6.84 -9.07 9.17
CA PHE B 8 5.82 -9.90 9.78
C PHE B 8 4.52 -9.83 8.97
N ALA B 9 4.09 -8.62 8.63
CA ALA B 9 2.80 -8.42 7.96
C ALA B 9 2.73 -9.10 6.61
N VAL B 10 3.79 -8.99 5.81
CA VAL B 10 3.77 -9.57 4.48
C VAL B 10 3.67 -11.09 4.59
N ALA B 11 4.41 -11.68 5.52
CA ALA B 11 4.35 -13.13 5.68
C ALA B 11 2.97 -13.59 6.15
N MET B 12 2.38 -12.82 7.08
CA MET B 12 1.08 -13.18 7.61
C MET B 12 0.03 -13.17 6.51
N MET B 13 0.03 -12.11 5.70
CA MET B 13 -0.97 -11.97 4.64
C MET B 13 -0.83 -13.09 3.61
N LYS B 14 0.41 -13.39 3.24
CA LYS B 14 0.68 -14.46 2.32
CA LYS B 14 0.70 -14.47 2.31
C LYS B 14 0.11 -15.80 2.80
N ARG B 15 0.25 -16.07 4.10
CA ARG B 15 -0.17 -17.37 4.62
CA ARG B 15 -0.17 -17.37 4.62
C ARG B 15 -1.66 -17.46 5.00
N ASN B 16 -2.25 -16.36 5.47
CA ASN B 16 -3.58 -16.41 6.08
C ASN B 16 -4.66 -15.50 5.51
N ALA B 17 -4.33 -14.60 4.60
CA ALA B 17 -5.35 -13.68 4.07
C ALA B 17 -5.89 -14.10 2.74
N SER B 18 -7.10 -13.63 2.44
CA SER B 18 -7.73 -13.76 1.14
C SER B 18 -8.56 -12.53 0.83
N THR B 19 -9.06 -12.46 -0.40
CA THR B 19 -9.97 -11.38 -0.85
C THR B 19 -11.37 -11.96 -0.92
N VAL B 20 -12.30 -11.31 -0.25
CA VAL B 20 -13.68 -11.78 -0.16
C VAL B 20 -14.68 -10.74 -0.64
N LYS B 21 -15.64 -11.18 -1.43
CA LYS B 21 -16.83 -10.39 -1.74
CA LYS B 21 -16.82 -10.38 -1.73
C LYS B 21 -18.05 -11.01 -1.08
N THR B 22 -18.83 -10.18 -0.40
CA THR B 22 -20.17 -10.52 0.05
C THR B 22 -21.11 -9.64 -0.76
N GLU B 23 -22.40 -9.75 -0.53
CA GLU B 23 -23.33 -8.88 -1.21
CA GLU B 23 -23.38 -8.89 -1.18
C GLU B 23 -23.19 -7.41 -0.79
N TYR B 24 -22.49 -7.17 0.31
CA TYR B 24 -22.29 -5.83 0.90
C TYR B 24 -20.96 -5.14 0.56
N GLY B 25 -20.07 -5.85 -0.12
CA GLY B 25 -18.83 -5.23 -0.56
C GLY B 25 -17.65 -6.17 -0.67
N GLU B 26 -16.49 -5.58 -0.89
CA GLU B 26 -15.25 -6.34 -1.03
C GLU B 26 -14.34 -6.04 0.14
N PHE B 27 -13.76 -7.11 0.73
CA PHE B 27 -13.04 -7.06 1.97
C PHE B 27 -11.77 -7.88 1.93
N THR B 28 -10.83 -7.54 2.81
CA THR B 28 -9.74 -8.43 3.15
C THR B 28 -10.27 -9.37 4.24
N MET B 29 -9.92 -10.64 4.16
CA MET B 29 -10.38 -11.62 5.16
C MET B 29 -9.19 -12.39 5.72
N LEU B 30 -9.08 -12.42 7.05
CA LEU B 30 -8.01 -13.17 7.74
C LEU B 30 -8.54 -14.51 8.25
N GLY B 31 -7.88 -15.60 7.85
CA GLY B 31 -8.20 -16.92 8.41
C GLY B 31 -7.47 -17.06 9.72
N ILE B 32 -8.11 -17.67 10.72
CA ILE B 32 -7.56 -17.73 12.08
C ILE B 32 -7.04 -19.12 12.46
N TYR B 33 -7.88 -20.14 12.31
CA TYR B 33 -7.47 -21.54 12.51
C TYR B 33 -8.57 -22.44 11.92
N ASP B 34 -8.25 -23.70 11.67
CA ASP B 34 -9.22 -24.66 11.15
CA ASP B 34 -9.17 -24.67 11.11
C ASP B 34 -9.93 -24.01 9.95
N ARG B 35 -11.26 -23.94 9.97
CA ARG B 35 -12.01 -23.28 8.90
CA ARG B 35 -11.98 -23.25 8.89
C ARG B 35 -12.68 -21.97 9.38
N TRP B 36 -12.18 -21.41 10.49
CA TRP B 36 -12.67 -20.14 11.02
C TRP B 36 -11.88 -18.93 10.50
N ALA B 37 -12.63 -17.96 9.99
CA ALA B 37 -12.08 -16.67 9.52
C ALA B 37 -12.89 -15.51 10.11
N VAL B 38 -12.39 -14.30 9.92
CA VAL B 38 -13.05 -13.12 10.46
C VAL B 38 -13.27 -12.05 9.38
N LEU B 39 -14.43 -11.40 9.46
CA LEU B 39 -14.80 -10.23 8.66
C LEU B 39 -15.34 -9.14 9.57
N PRO B 40 -15.31 -7.90 9.11
CA PRO B 40 -16.13 -6.89 9.80
C PRO B 40 -17.60 -7.30 9.83
N ARG B 41 -18.33 -6.93 10.89
CA ARG B 41 -19.73 -7.32 10.99
CA ARG B 41 -19.73 -7.33 10.98
C ARG B 41 -20.51 -6.76 9.80
N HIS B 42 -20.16 -5.56 9.36
CA HIS B 42 -20.89 -4.92 8.25
C HIS B 42 -20.67 -5.58 6.88
N ALA B 43 -19.77 -6.56 6.78
CA ALA B 43 -19.71 -7.40 5.58
C ALA B 43 -20.96 -8.27 5.42
N LYS B 44 -21.65 -8.55 6.53
CA LYS B 44 -22.94 -9.25 6.49
C LYS B 44 -22.91 -10.50 5.59
N PRO B 45 -21.95 -11.41 5.82
CA PRO B 45 -21.87 -12.60 4.93
C PRO B 45 -23.14 -13.43 4.95
N GLY B 46 -23.51 -13.93 3.78
CA GLY B 46 -24.72 -14.73 3.63
C GLY B 46 -24.36 -16.20 3.59
N PRO B 47 -25.24 -17.03 3.00
CA PRO B 47 -24.98 -18.47 2.95
C PRO B 47 -23.74 -18.86 2.16
N THR B 48 -23.28 -17.99 1.25
CA THR B 48 -22.05 -18.26 0.49
C THR B 48 -21.34 -16.91 0.37
N ILE B 49 -20.02 -16.97 0.25
CA ILE B 49 -19.20 -15.81 -0.06
C ILE B 49 -18.38 -16.13 -1.32
N LEU B 50 -17.78 -15.10 -1.90
CA LEU B 50 -16.76 -15.30 -2.92
CA LEU B 50 -16.78 -15.27 -2.94
C LEU B 50 -15.41 -15.04 -2.28
N MET B 51 -14.57 -16.06 -2.28
CA MET B 51 -13.25 -16.04 -1.67
C MET B 51 -12.25 -16.31 -2.78
N ASN B 52 -11.44 -15.32 -3.09
CA ASN B 52 -10.57 -15.39 -4.26
C ASN B 52 -11.33 -15.87 -5.49
N ASP B 53 -12.46 -15.21 -5.74
CA ASP B 53 -13.27 -15.41 -6.92
C ASP B 53 -14.01 -16.75 -6.97
N GLN B 54 -13.94 -17.52 -5.89
CA GLN B 54 -14.57 -18.84 -5.82
CA GLN B 54 -14.56 -18.83 -5.82
C GLN B 54 -15.71 -18.85 -4.81
N GLU B 55 -16.84 -19.43 -5.17
CA GLU B 55 -17.95 -19.53 -4.23
CA GLU B 55 -17.96 -19.56 -4.24
C GLU B 55 -17.63 -20.54 -3.12
N VAL B 56 -17.78 -20.09 -1.88
CA VAL B 56 -17.51 -20.91 -0.71
C VAL B 56 -18.69 -20.82 0.24
N GLY B 57 -19.22 -21.96 0.68
CA GLY B 57 -20.33 -21.97 1.62
C GLY B 57 -19.89 -21.53 3.00
N VAL B 58 -20.82 -20.88 3.70
CA VAL B 58 -20.62 -20.45 5.07
C VAL B 58 -21.49 -21.36 5.94
N LEU B 59 -20.85 -22.16 6.78
CA LEU B 59 -21.57 -23.14 7.58
C LEU B 59 -22.09 -22.58 8.92
N ASP B 60 -21.42 -21.55 9.45
CA ASP B 60 -21.85 -20.91 10.67
C ASP B 60 -21.26 -19.52 10.68
N ALA B 61 -21.96 -18.61 11.33
CA ALA B 61 -21.48 -17.25 11.50
C ALA B 61 -21.85 -16.79 12.89
N LYS B 62 -20.93 -16.07 13.53
CA LYS B 62 -21.15 -15.56 14.88
CA LYS B 62 -21.16 -15.55 14.87
C LYS B 62 -20.85 -14.06 14.89
N GLU B 63 -21.87 -13.26 15.11
CA GLU B 63 -21.69 -11.83 15.24
CA GLU B 63 -21.70 -11.82 15.25
C GLU B 63 -21.33 -11.51 16.69
N LEU B 64 -20.12 -11.04 16.91
CA LEU B 64 -19.59 -10.93 18.26
C LEU B 64 -20.11 -9.71 19.03
N VAL B 65 -20.53 -9.96 20.27
CA VAL B 65 -20.92 -8.90 21.19
C VAL B 65 -20.27 -9.16 22.54
N ASP B 66 -20.15 -8.11 23.37
CA ASP B 66 -19.56 -8.31 24.71
C ASP B 66 -20.62 -8.90 25.65
N LYS B 67 -20.30 -9.01 26.93
CA LYS B 67 -21.18 -9.68 27.88
CA LYS B 67 -21.19 -9.69 27.86
C LYS B 67 -22.49 -8.92 28.11
N ASP B 68 -22.55 -7.67 27.69
CA ASP B 68 -23.81 -6.93 27.77
C ASP B 68 -24.45 -6.64 26.41
N GLY B 69 -24.05 -7.41 25.40
CA GLY B 69 -24.68 -7.29 24.09
C GLY B 69 -24.17 -6.16 23.22
N THR B 70 -23.11 -5.49 23.65
CA THR B 70 -22.57 -4.36 22.86
C THR B 70 -21.80 -4.85 21.64
N ASN B 71 -22.07 -4.25 20.49
CA ASN B 71 -21.40 -4.58 19.25
C ASN B 71 -19.88 -4.49 19.34
N LEU B 72 -19.22 -5.49 18.77
CA LEU B 72 -17.78 -5.49 18.60
C LEU B 72 -17.36 -5.32 17.13
N GLU B 73 -18.32 -5.28 16.21
CA GLU B 73 -18.09 -5.09 14.77
C GLU B 73 -17.25 -6.18 14.11
N LEU B 74 -17.37 -7.42 14.60
CA LEU B 74 -16.72 -8.59 14.03
C LEU B 74 -17.72 -9.71 13.82
N THR B 75 -17.60 -10.41 12.70
CA THR B 75 -18.32 -11.63 12.48
C THR B 75 -17.32 -12.74 12.18
N LEU B 76 -17.39 -13.80 12.98
CA LEU B 76 -16.59 -15.00 12.71
C LEU B 76 -17.37 -15.91 11.77
N LEU B 77 -16.69 -16.49 10.79
CA LEU B 77 -17.32 -17.35 9.77
CA LEU B 77 -17.39 -17.38 9.88
C LEU B 77 -16.63 -18.69 9.74
N LYS B 78 -17.40 -19.78 9.74
CA LYS B 78 -16.87 -21.11 9.58
C LYS B 78 -17.17 -21.53 8.13
N LEU B 79 -16.12 -21.79 7.38
CA LEU B 79 -16.22 -22.01 5.93
C LEU B 79 -16.31 -23.49 5.56
N ASN B 80 -16.99 -23.75 4.46
CA ASN B 80 -17.08 -25.10 3.89
C ASN B 80 -15.91 -25.30 2.95
N ARG B 81 -14.75 -25.63 3.51
CA ARG B 81 -13.58 -25.90 2.69
CA ARG B 81 -13.49 -25.74 2.80
C ARG B 81 -12.69 -26.91 3.37
N ASN B 82 -11.90 -27.58 2.54
CA ASN B 82 -11.04 -28.67 2.99
C ASN B 82 -9.72 -28.15 3.52
N GLU B 83 -9.20 -27.11 2.89
CA GLU B 83 -7.95 -26.52 3.36
CA GLU B 83 -7.97 -26.49 3.35
C GLU B 83 -8.17 -25.90 4.75
N LYS B 84 -7.22 -26.11 5.64
CA LYS B 84 -7.25 -25.51 6.97
CA LYS B 84 -7.26 -25.51 6.97
C LYS B 84 -6.32 -24.32 7.02
N PHE B 85 -6.73 -23.29 7.74
CA PHE B 85 -5.85 -22.14 7.94
C PHE B 85 -4.72 -22.52 8.87
N ARG B 86 -3.54 -21.95 8.67
CA ARG B 86 -2.48 -22.01 9.68
C ARG B 86 -2.99 -21.34 10.97
N ASP B 87 -2.80 -22.02 12.11
CA ASP B 87 -3.34 -21.54 13.38
C ASP B 87 -2.55 -20.32 13.87
N ILE B 88 -3.17 -19.14 13.82
CA ILE B 88 -2.51 -17.92 14.27
C ILE B 88 -3.05 -17.39 15.61
N ARG B 89 -3.75 -18.24 16.37
CA ARG B 89 -4.31 -17.79 17.64
C ARG B 89 -3.24 -17.26 18.59
N GLY B 90 -2.02 -17.80 18.48
CA GLY B 90 -0.93 -17.36 19.35
C GLY B 90 -0.44 -15.94 19.08
N PHE B 91 -0.84 -15.36 17.95
CA PHE B 91 -0.49 -13.99 17.60
C PHE B 91 -1.57 -13.01 18.10
N LEU B 92 -2.64 -13.53 18.66
CA LEU B 92 -3.74 -12.72 19.19
C LEU B 92 -3.56 -12.48 20.69
N ALA B 93 -3.68 -11.23 21.11
CA ALA B 93 -3.55 -10.84 22.51
C ALA B 93 -4.81 -11.23 23.27
N ARG B 94 -4.68 -11.29 24.60
CA ARG B 94 -5.82 -11.53 25.47
CA ARG B 94 -5.82 -11.54 25.48
C ARG B 94 -6.58 -10.25 25.77
N GLU B 95 -5.92 -9.12 25.58
CA GLU B 95 -6.59 -7.83 25.75
CA GLU B 95 -6.60 -7.83 25.72
C GLU B 95 -6.05 -6.83 24.70
N GLU B 96 -6.72 -5.69 24.58
CA GLU B 96 -6.43 -4.69 23.57
C GLU B 96 -5.00 -4.24 23.60
N VAL B 97 -4.36 -4.28 22.44
CA VAL B 97 -2.96 -3.91 22.27
C VAL B 97 -2.77 -2.47 21.83
N GLU B 98 -1.87 -1.78 22.52
CA GLU B 98 -1.34 -0.50 22.08
C GLU B 98 0.13 -0.63 21.68
N VAL B 99 0.51 0.04 20.60
CA VAL B 99 1.89 0.02 20.09
C VAL B 99 2.26 1.37 19.53
N ASN B 100 3.55 1.64 19.46
CA ASN B 100 4.04 2.88 18.91
C ASN B 100 4.07 2.88 17.38
N GLU B 101 4.18 1.72 16.75
CA GLU B 101 4.22 1.61 15.29
C GLU B 101 3.49 0.36 14.80
N ALA B 102 2.50 0.57 13.96
CA ALA B 102 1.71 -0.52 13.39
C ALA B 102 1.68 -0.38 11.86
N VAL B 103 1.36 -1.50 11.22
CA VAL B 103 1.15 -1.59 9.77
C VAL B 103 -0.25 -2.15 9.56
N LEU B 104 -0.96 -1.54 8.61
CA LEU B 104 -2.25 -2.03 8.17
C LEU B 104 -2.09 -2.62 6.78
N ALA B 105 -2.49 -3.88 6.64
CA ALA B 105 -2.30 -4.66 5.42
C ALA B 105 -3.64 -4.93 4.74
N ILE B 106 -3.71 -4.62 3.44
CA ILE B 106 -4.95 -4.71 2.65
C ILE B 106 -4.68 -5.58 1.44
N ASN B 107 -5.61 -6.47 1.10
N ASN B 107 -5.67 -6.41 1.08
CA ASN B 107 -5.56 -7.12 -0.23
CA ASN B 107 -5.57 -7.31 -0.06
C ASN B 107 -6.94 -7.31 -0.81
C ASN B 107 -6.93 -7.36 -0.84
N THR B 108 -7.25 -6.37 -1.68
CA THR B 108 -8.49 -6.40 -2.46
C THR B 108 -8.20 -5.97 -3.90
N SER B 109 -9.20 -6.04 -4.77
CA SER B 109 -8.99 -5.62 -6.15
C SER B 109 -8.63 -4.13 -6.23
N LYS B 110 -9.15 -3.34 -5.30
CA LYS B 110 -8.82 -1.90 -5.26
CA LYS B 110 -8.83 -1.90 -5.25
C LYS B 110 -7.41 -1.63 -4.71
N PHE B 111 -7.02 -2.42 -3.73
CA PHE B 111 -5.73 -2.28 -3.04
C PHE B 111 -5.07 -3.65 -2.95
N PRO B 112 -4.46 -4.02 -4.07
N PRO B 112 -4.41 -4.19 -3.99
CA PRO B 112 -3.79 -5.30 -4.23
CA PRO B 112 -4.14 -5.66 -3.89
C PRO B 112 -2.45 -5.21 -3.54
C PRO B 112 -3.10 -6.26 -2.88
N ASN B 113 -2.35 -6.04 -2.51
N ASN B 113 -2.03 -5.56 -2.59
CA ASN B 113 -1.21 -6.20 -1.58
CA ASN B 113 -1.00 -6.15 -1.77
C ASN B 113 -0.47 -4.94 -1.19
C ASN B 113 -0.35 -4.96 -1.08
N MET B 114 -1.18 -4.14 -0.43
CA MET B 114 -0.67 -2.88 0.05
CA MET B 114 -0.73 -2.85 0.08
C MET B 114 -0.55 -2.86 1.57
N TYR B 115 0.50 -2.17 2.02
CA TYR B 115 0.84 -2.08 3.43
C TYR B 115 1.02 -0.59 3.78
N ILE B 116 0.43 -0.17 4.90
CA ILE B 116 0.44 1.22 5.31
C ILE B 116 1.01 1.36 6.71
N PRO B 117 2.04 2.18 6.86
CA PRO B 117 2.51 2.48 8.23
C PRO B 117 1.62 3.49 8.89
N VAL B 118 0.81 3.03 9.85
CA VAL B 118 -0.22 3.91 10.41
C VAL B 118 0.23 4.60 11.70
N GLY B 119 1.46 4.34 12.15
CA GLY B 119 1.93 4.98 13.37
C GLY B 119 1.38 4.36 14.64
N GLN B 120 1.13 5.21 15.62
CA GLN B 120 0.73 4.75 16.95
CA GLN B 120 0.73 4.74 16.94
C GLN B 120 -0.71 4.25 16.98
N VAL B 121 -0.93 3.18 17.71
CA VAL B 121 -2.27 2.62 17.92
C VAL B 121 -2.64 2.79 19.38
N THR B 122 -3.80 3.39 19.62
CA THR B 122 -4.34 3.63 20.97
C THR B 122 -5.62 2.84 21.17
N ASP B 123 -5.80 2.31 22.38
CA ASP B 123 -7.05 1.71 22.78
C ASP B 123 -8.06 2.81 23.09
N TYR B 124 -8.89 3.13 22.10
CA TYR B 124 -9.84 4.24 22.20
C TYR B 124 -11.06 3.82 23.00
N GLY B 125 -11.49 2.57 22.82
CA GLY B 125 -12.60 2.00 23.56
C GLY B 125 -13.93 2.16 22.87
N PHE B 126 -14.80 2.99 23.46
CA PHE B 126 -16.18 3.17 23.00
C PHE B 126 -16.23 4.11 21.81
N LEU B 127 -17.01 3.75 20.80
CA LEU B 127 -17.26 4.61 19.66
C LEU B 127 -18.67 4.33 19.11
N ASN B 128 -19.41 5.39 18.78
CA ASN B 128 -20.63 5.19 18.03
C ASN B 128 -20.25 5.16 16.56
N LEU B 129 -20.27 3.96 16.00
CA LEU B 129 -19.76 3.68 14.67
C LEU B 129 -20.92 3.38 13.72
N GLY B 130 -21.11 4.26 12.73
CA GLY B 130 -22.21 4.11 11.81
C GLY B 130 -23.56 3.99 12.51
N GLY B 131 -23.75 4.71 13.61
CA GLY B 131 -25.00 4.69 14.33
C GLY B 131 -25.13 3.60 15.40
N THR B 132 -24.10 2.76 15.54
CA THR B 132 -24.19 1.64 16.48
C THR B 132 -23.15 1.80 17.58
N PRO B 133 -23.58 1.75 18.87
CA PRO B 133 -22.61 1.79 19.96
C PRO B 133 -21.71 0.57 19.88
N THR B 134 -20.40 0.83 19.90
CA THR B 134 -19.40 -0.20 19.60
C THR B 134 -18.28 -0.09 20.62
N LYS B 135 -17.69 -1.22 21.00
CA LYS B 135 -16.57 -1.19 21.94
C LYS B 135 -15.31 -1.86 21.40
N ARG B 136 -14.23 -1.73 22.16
CA ARG B 136 -12.91 -2.31 21.86
C ARG B 136 -12.31 -1.80 20.55
N MET B 137 -12.52 -0.50 20.29
CA MET B 137 -11.96 0.18 19.12
C MET B 137 -10.51 0.62 19.38
N LEU B 138 -9.66 0.32 18.41
CA LEU B 138 -8.27 0.77 18.37
C LEU B 138 -8.20 1.88 17.33
N VAL B 139 -7.57 3.00 17.68
CA VAL B 139 -7.55 4.17 16.77
C VAL B 139 -6.12 4.48 16.29
N TYR B 140 -6.01 4.95 15.05
CA TYR B 140 -4.76 5.36 14.45
C TYR B 140 -5.07 6.44 13.39
N ASN B 141 -4.09 7.30 13.11
CA ASN B 141 -4.30 8.47 12.28
C ASN B 141 -3.63 8.26 10.94
N PHE B 142 -4.39 8.13 9.87
N PHE B 142 -4.54 7.88 10.04
CA PHE B 142 -3.76 8.05 8.55
CA PHE B 142 -4.34 7.58 8.63
C PHE B 142 -4.86 8.40 7.56
C PHE B 142 -5.69 7.68 7.92
N PRO B 143 -4.55 8.62 6.27
N PRO B 143 -5.69 8.23 6.70
CA PRO B 143 -5.63 8.97 5.32
CA PRO B 143 -6.94 8.40 5.94
C PRO B 143 -6.48 7.75 4.95
C PRO B 143 -7.31 7.12 5.21
N THR B 144 -7.65 7.63 5.56
N THR B 144 -7.78 6.18 6.01
CA THR B 144 -8.48 6.43 5.42
CA THR B 144 -8.27 4.95 5.49
C THR B 144 -9.22 6.36 4.08
C THR B 144 -9.52 5.25 4.73
N ARG B 145 -9.66 5.15 3.68
N ARG B 145 -9.83 4.39 3.81
CA ARG B 145 -10.44 4.91 2.43
CA ARG B 145 -10.88 4.81 2.95
C ARG B 145 -11.46 3.70 2.51
C ARG B 145 -11.57 3.58 2.55
N ALA B 146 -12.66 3.83 1.88
CA ALA B 146 -13.53 2.72 1.56
C ALA B 146 -12.71 1.67 0.82
N GLY B 147 -13.00 0.40 1.07
CA GLY B 147 -12.25 -0.66 0.45
C GLY B 147 -11.18 -1.24 1.36
N GLN B 148 -10.90 -0.60 2.50
CA GLN B 148 -9.86 -1.07 3.43
C GLN B 148 -10.39 -1.92 4.59
N CYS B 149 -11.68 -2.13 4.65
CA CYS B 149 -12.24 -2.88 5.75
C CYS B 149 -11.90 -4.36 5.67
N GLY B 150 -11.66 -4.95 6.83
CA GLY B 150 -11.09 -6.28 6.87
C GLY B 150 -9.56 -6.25 6.88
N GLY B 151 -8.96 -5.08 6.56
CA GLY B 151 -7.51 -4.95 6.57
C GLY B 151 -6.98 -5.37 7.94
N VAL B 152 -5.79 -5.95 7.93
CA VAL B 152 -5.25 -6.55 9.13
C VAL B 152 -4.21 -5.62 9.78
N LEU B 153 -4.45 -5.24 11.04
CA LEU B 153 -3.60 -4.32 11.79
C LEU B 153 -2.57 -5.13 12.59
N MET B 154 -1.29 -4.87 12.33
CA MET B 154 -0.21 -5.69 12.89
C MET B 154 0.96 -4.86 13.40
N SER B 155 1.72 -5.46 14.31
CA SER B 155 3.04 -4.94 14.68
C SER B 155 3.96 -6.15 14.75
N THR B 156 5.23 -5.94 15.04
CA THR B 156 6.13 -7.08 15.08
C THR B 156 5.61 -8.18 16.02
N GLY B 157 5.33 -9.37 15.48
CA GLY B 157 4.86 -10.49 16.29
C GLY B 157 3.41 -10.46 16.78
N LYS B 158 2.61 -9.48 16.34
CA LYS B 158 1.26 -9.28 16.88
C LYS B 158 0.26 -9.01 15.77
N VAL B 159 -0.86 -9.70 15.83
CA VAL B 159 -2.06 -9.29 15.12
C VAL B 159 -2.96 -8.55 16.13
N LEU B 160 -3.17 -7.25 15.91
CA LEU B 160 -3.91 -6.40 16.84
CA LEU B 160 -3.90 -6.42 16.86
C LEU B 160 -5.40 -6.38 16.60
N GLY B 161 -5.81 -6.37 15.33
CA GLY B 161 -7.23 -6.15 15.01
C GLY B 161 -7.48 -6.11 13.51
N ILE B 162 -8.74 -5.76 13.19
N ILE B 162 -8.74 -5.92 13.11
CA ILE B 162 -9.27 -5.74 11.83
CA ILE B 162 -9.02 -5.70 11.70
C ILE B 162 -9.86 -4.36 11.57
C ILE B 162 -9.82 -4.41 11.53
N HIS B 163 -9.48 -3.70 10.46
CA HIS B 163 -10.01 -2.37 10.17
C HIS B 163 -11.52 -2.43 9.87
N VAL B 164 -12.30 -1.64 10.61
CA VAL B 164 -13.76 -1.64 10.43
C VAL B 164 -14.36 -0.29 10.11
N GLY B 165 -13.64 0.80 10.30
CA GLY B 165 -14.27 2.07 10.07
C GLY B 165 -13.35 3.25 10.24
N GLY B 166 -13.94 4.42 10.04
CA GLY B 166 -13.19 5.65 10.12
C GLY B 166 -13.89 6.75 9.36
N ASN B 167 -13.26 7.91 9.36
N ASN B 167 -13.24 7.90 9.37
CA ASN B 167 -13.72 9.10 8.65
CA ASN B 167 -13.68 9.12 8.71
C ASN B 167 -12.50 10.02 8.55
C ASN B 167 -12.46 10.02 8.55
N GLY B 168 -12.27 10.60 7.38
CA GLY B 168 -11.17 11.54 7.18
C GLY B 168 -9.83 10.89 7.39
N HIS B 169 -9.08 11.39 8.37
CA HIS B 169 -7.76 10.88 8.66
C HIS B 169 -7.71 10.10 9.96
N GLN B 170 -8.84 9.50 10.34
CA GLN B 170 -8.90 8.68 11.53
CA GLN B 170 -8.93 8.70 11.55
C GLN B 170 -9.48 7.31 11.20
N GLY B 171 -8.76 6.26 11.61
CA GLY B 171 -9.15 4.89 11.34
C GLY B 171 -9.34 4.09 12.61
N PHE B 172 -10.21 3.08 12.57
CA PHE B 172 -10.52 2.25 13.72
C PHE B 172 -10.51 0.78 13.34
N SER B 173 -9.83 -0.02 14.18
CA SER B 173 -9.90 -1.47 14.13
C SER B 173 -10.68 -2.02 15.34
N ALA B 174 -11.38 -3.11 15.10
CA ALA B 174 -11.88 -3.96 16.17
C ALA B 174 -10.74 -4.81 16.69
N ALA B 175 -10.51 -4.79 18.00
CA ALA B 175 -9.43 -5.58 18.60
C ALA B 175 -9.72 -7.06 18.37
N LEU B 176 -8.72 -7.84 17.93
CA LEU B 176 -8.92 -9.25 17.69
C LEU B 176 -8.34 -10.07 18.84
N LEU B 177 -9.21 -10.49 19.77
CA LEU B 177 -8.77 -11.06 21.04
C LEU B 177 -8.86 -12.59 21.01
N ARG B 178 -7.93 -13.20 21.73
CA ARG B 178 -7.76 -14.63 21.64
CA ARG B 178 -7.73 -14.64 21.73
C ARG B 178 -9.00 -15.40 22.15
N HIS B 179 -9.68 -14.86 23.16
CA HIS B 179 -10.84 -15.57 23.73
C HIS B 179 -12.06 -15.62 22.81
N TYR B 180 -12.02 -14.85 21.72
CA TYR B 180 -13.09 -14.91 20.74
C TYR B 180 -13.10 -16.27 20.03
N PHE B 181 -11.99 -17.00 20.16
N PHE B 181 -12.00 -17.03 20.13
CA PHE B 181 -11.85 -18.30 19.53
CA PHE B 181 -11.79 -18.20 19.26
C PHE B 181 -11.74 -19.39 20.61
C PHE B 181 -11.58 -19.55 19.96
N ASN B 182 -12.14 -20.60 20.25
N ASN B 182 -12.53 -19.94 20.81
CA ASN B 182 -12.22 -21.78 21.14
CA ASN B 182 -12.46 -21.22 21.51
C ASN B 182 -13.66 -22.10 21.54
C ASN B 182 -11.27 -21.28 22.45
#